data_4TNS
#
_entry.id   4TNS
#
_cell.length_a   117.806
_cell.length_b   36.294
_cell.length_c   51.703
_cell.angle_alpha   90.00
_cell.angle_beta   100.92
_cell.angle_gamma   90.00
#
_symmetry.space_group_name_H-M   'C 1 2 1'
#
loop_
_entity.id
_entity.type
_entity.pdbx_description
1 polymer 'Peptidyl-prolyl cis-trans isomerase NIMA-interacting 1'
2 non-polymer 'RETINOIC ACID'
3 water water
#
_entity_poly.entity_id   1
_entity_poly.type   'polypeptide(L)'
_entity_poly.pdbx_seq_one_letter_code
;MGSSHHHHHHSSGLVPRGSHMLEVLFQGPGSGGKNGQGEPARVRCSHLLVKHSQSRRPSSWRQEQITRTQEEALELINGY
IQKIKSGEEDFESLASQFSDCSSAKARGDLGAFSRGQMQKPFEDASFALRTGEMSGPVFTDSGIHIILRTE
;
_entity_poly.pdbx_strand_id   A,B
#
loop_
_chem_comp.id
_chem_comp.type
_chem_comp.name
_chem_comp.formula
REA non-polymer 'RETINOIC ACID' 'C20 H28 O2'
#
# COMPACT_ATOMS: atom_id res chain seq x y z
N GLU A 39 1.53 2.96 -8.86
CA GLU A 39 1.57 3.62 -7.52
C GLU A 39 2.74 4.56 -7.45
N PRO A 40 2.52 5.81 -7.01
CA PRO A 40 3.66 6.68 -6.91
C PRO A 40 4.56 6.31 -5.71
N ALA A 41 5.79 6.75 -5.76
CA ALA A 41 6.71 6.50 -4.64
C ALA A 41 6.15 7.12 -3.33
N ARG A 42 5.60 8.32 -3.43
CA ARG A 42 5.07 9.08 -2.30
C ARG A 42 3.79 9.73 -2.70
N VAL A 43 2.89 9.87 -1.70
CA VAL A 43 1.71 10.74 -1.81
C VAL A 43 1.79 11.90 -0.84
N ARG A 44 1.14 12.99 -1.17
CA ARG A 44 0.99 14.10 -0.22
C ARG A 44 -0.46 14.08 0.26
N CYS A 45 -0.65 14.21 1.57
CA CYS A 45 -1.99 14.22 2.10
C CYS A 45 -2.11 15.27 3.16
N SER A 46 -3.37 15.66 3.37
CA SER A 46 -3.78 16.42 4.56
C SER A 46 -4.75 15.53 5.38
N HIS A 47 -4.83 15.76 6.67
CA HIS A 47 -5.78 15.01 7.47
C HIS A 47 -6.37 15.85 8.54
N LEU A 48 -7.47 15.35 9.10
CA LEU A 48 -8.06 15.85 10.29
C LEU A 48 -8.15 14.70 11.30
N LEU A 49 -7.49 14.85 12.44
CA LEU A 49 -7.45 13.82 13.48
C LEU A 49 -8.39 14.19 14.60
N VAL A 50 -9.23 13.26 15.03
CA VAL A 50 -10.00 13.42 16.25
C VAL A 50 -9.53 12.36 17.23
N LYS A 51 -8.85 12.78 18.30
CA LYS A 51 -8.40 11.87 19.34
C LYS A 51 -9.57 11.47 20.25
N HIS A 52 -9.30 10.46 21.06
CA HIS A 52 -10.22 10.08 22.12
C HIS A 52 -9.41 9.65 23.32
N SER A 53 -10.09 9.31 24.41
CA SER A 53 -9.43 9.03 25.69
C SER A 53 -8.64 7.73 25.67
N GLN A 54 -8.72 6.92 24.61
CA GLN A 54 -7.97 5.69 24.50
C GLN A 54 -6.98 5.81 23.39
N SER A 55 -6.76 7.02 22.87
CA SER A 55 -5.66 7.28 21.91
C SER A 55 -4.31 6.99 22.52
N ARG A 56 -3.30 6.74 21.69
CA ARG A 56 -1.97 6.50 22.23
C ARG A 56 -1.44 7.67 23.03
N ARG A 57 -1.73 8.89 22.62
CA ARG A 57 -1.32 10.09 23.36
C ARG A 57 -2.53 11.01 23.50
N PRO A 58 -3.31 10.85 24.56
CA PRO A 58 -4.58 11.57 24.68
C PRO A 58 -4.39 13.00 25.18
N SER A 59 -3.77 13.78 24.30
N SER A 59 -3.61 13.78 24.42
CA SER A 59 -3.41 15.17 24.57
CA SER A 59 -3.56 15.23 24.60
C SER A 59 -3.12 15.81 23.22
C SER A 59 -3.27 15.78 23.22
N SER A 60 -3.48 17.07 23.06
CA SER A 60 -3.18 17.72 21.79
C SER A 60 -2.83 19.17 21.98
N TRP A 61 -2.39 19.82 20.90
CA TRP A 61 -2.10 21.24 20.97
C TRP A 61 -3.31 21.99 21.45
N ARG A 62 -4.53 21.56 21.13
CA ARG A 62 -5.74 22.33 21.40
C ARG A 62 -6.43 21.94 22.68
N GLN A 63 -6.03 20.81 23.28
CA GLN A 63 -6.69 20.33 24.46
C GLN A 63 -5.72 19.57 25.33
N GLU A 64 -5.52 19.99 26.57
CA GLU A 64 -4.48 19.42 27.44
C GLU A 64 -4.73 17.94 27.73
N GLN A 65 -5.96 17.55 28.01
N GLN A 65 -5.99 17.58 27.86
CA GLN A 65 -6.32 16.15 28.10
CA GLN A 65 -6.42 16.24 28.17
C GLN A 65 -7.54 15.92 27.24
C GLN A 65 -7.64 15.90 27.29
N ILE A 66 -7.45 14.90 26.41
CA ILE A 66 -8.57 14.47 25.57
C ILE A 66 -9.52 13.64 26.47
N THR A 67 -10.76 14.04 26.59
CA THR A 67 -11.72 13.36 27.44
C THR A 67 -12.82 12.65 26.65
N ARG A 68 -12.98 12.95 25.37
CA ARG A 68 -14.09 12.36 24.64
C ARG A 68 -13.92 10.85 24.44
N THR A 69 -15.07 10.16 24.35
CA THR A 69 -15.01 8.75 24.14
C THR A 69 -14.68 8.45 22.66
N GLN A 70 -14.38 7.19 22.37
CA GLN A 70 -14.21 6.75 21.00
C GLN A 70 -15.49 6.95 20.21
N GLU A 71 -16.65 6.63 20.81
CA GLU A 71 -17.89 6.81 20.14
C GLU A 71 -18.13 8.28 19.75
N GLU A 72 -17.85 9.20 20.67
CA GLU A 72 -18.01 10.63 20.43
C GLU A 72 -17.02 11.09 19.34
N ALA A 73 -15.81 10.56 19.33
CA ALA A 73 -14.83 10.91 18.30
C ALA A 73 -15.34 10.51 16.94
N LEU A 74 -15.93 9.30 16.83
CA LEU A 74 -16.44 8.87 15.53
C LEU A 74 -17.65 9.68 15.11
N GLU A 75 -18.51 10.05 16.04
CA GLU A 75 -19.65 10.92 15.70
C GLU A 75 -19.17 12.25 15.19
N LEU A 76 -18.12 12.82 15.77
CA LEU A 76 -17.55 14.06 15.24
C LEU A 76 -16.99 13.90 13.83
N ILE A 77 -16.25 12.82 13.58
CA ILE A 77 -15.70 12.54 12.27
C ILE A 77 -16.82 12.42 11.25
N ASN A 78 -17.85 11.65 11.56
CA ASN A 78 -18.94 11.46 10.62
C ASN A 78 -19.68 12.73 10.40
N GLY A 79 -19.81 13.59 11.38
CA GLY A 79 -20.41 14.90 11.18
C GLY A 79 -19.60 15.77 10.29
N TYR A 80 -18.29 15.78 10.46
CA TYR A 80 -17.45 16.53 9.55
C TYR A 80 -17.57 16.02 8.12
N ILE A 81 -17.55 14.71 7.92
CA ILE A 81 -17.71 14.16 6.57
C ILE A 81 -19.01 14.66 5.96
N GLN A 82 -20.09 14.61 6.69
CA GLN A 82 -21.37 15.03 6.12
C GLN A 82 -21.42 16.48 5.76
N LYS A 83 -20.77 17.35 6.52
CA LYS A 83 -20.74 18.78 6.25
C LYS A 83 -19.79 19.09 5.10
N ILE A 84 -18.73 18.32 4.92
CA ILE A 84 -17.84 18.51 3.79
C ILE A 84 -18.59 18.10 2.52
N LYS A 85 -19.32 17.00 2.58
CA LYS A 85 -20.08 16.56 1.41
C LYS A 85 -21.17 17.55 1.03
N SER A 86 -21.89 18.15 1.99
CA SER A 86 -22.93 19.10 1.66
C SER A 86 -22.40 20.44 1.20
N GLY A 87 -21.16 20.74 1.51
CA GLY A 87 -20.57 22.02 1.23
C GLY A 87 -20.61 23.03 2.34
N GLU A 88 -21.25 22.65 3.43
CA GLU A 88 -21.39 23.54 4.58
C GLU A 88 -20.04 23.89 5.25
N GLU A 89 -19.09 22.96 5.22
CA GLU A 89 -17.77 23.22 5.80
C GLU A 89 -16.70 22.81 4.83
N ASP A 90 -15.59 23.53 4.92
CA ASP A 90 -14.37 23.29 4.17
C ASP A 90 -13.40 22.39 4.98
N PHE A 91 -12.95 21.28 4.40
CA PHE A 91 -12.03 20.38 5.06
C PHE A 91 -10.85 21.09 5.72
N GLU A 92 -10.21 21.97 5.00
CA GLU A 92 -8.98 22.61 5.53
C GLU A 92 -9.30 23.53 6.66
N SER A 93 -10.41 24.25 6.60
CA SER A 93 -10.84 25.05 7.72
C SER A 93 -11.11 24.19 8.94
N LEU A 94 -11.86 23.11 8.78
CA LEU A 94 -12.16 22.24 9.89
C LEU A 94 -10.85 21.72 10.47
N ALA A 95 -9.91 21.30 9.64
CA ALA A 95 -8.67 20.78 10.15
C ALA A 95 -7.89 21.80 10.95
N SER A 96 -7.86 23.02 10.47
N SER A 96 -7.81 23.03 10.47
CA SER A 96 -7.13 24.05 11.15
CA SER A 96 -7.13 24.11 11.19
C SER A 96 -7.76 24.47 12.46
C SER A 96 -7.72 24.31 12.58
N GLN A 97 -9.04 24.20 12.66
CA GLN A 97 -9.76 24.55 13.90
C GLN A 97 -9.75 23.40 14.88
N PHE A 98 -9.97 22.18 14.38
CA PHE A 98 -10.42 21.08 15.25
C PHE A 98 -9.49 19.87 15.19
N SER A 99 -8.55 19.76 14.24
CA SER A 99 -7.70 18.60 14.24
C SER A 99 -6.89 18.55 15.51
N ASP A 100 -6.73 17.37 16.11
CA ASP A 100 -5.89 17.15 17.27
C ASP A 100 -4.44 16.84 16.89
N CYS A 101 -4.15 16.89 15.61
CA CYS A 101 -2.74 16.77 15.13
C CYS A 101 -2.19 18.18 15.03
N SER A 102 -0.93 18.32 15.38
CA SER A 102 -0.26 19.64 15.25
C SER A 102 -0.16 20.12 13.79
N SER A 103 -0.39 19.26 12.82
CA SER A 103 -0.54 19.68 11.43
C SER A 103 -1.73 20.61 11.21
N ALA A 104 -2.61 20.75 12.18
CA ALA A 104 -3.67 21.75 12.09
C ALA A 104 -3.14 23.11 11.67
N LYS A 105 -1.98 23.47 12.18
CA LYS A 105 -1.41 24.79 11.86
C LYS A 105 -1.07 24.93 10.38
N ALA A 106 -0.91 23.80 9.68
CA ALA A 106 -0.62 23.78 8.26
C ALA A 106 -1.88 23.39 7.49
N ARG A 107 -3.04 23.65 8.09
CA ARG A 107 -4.33 23.31 7.47
C ARG A 107 -4.42 21.82 7.17
N GLY A 108 -3.82 21.03 8.05
CA GLY A 108 -3.91 19.58 7.97
C GLY A 108 -2.84 18.91 7.12
N ASP A 109 -2.00 19.70 6.42
CA ASP A 109 -0.96 19.11 5.52
C ASP A 109 0.06 18.34 6.28
N LEU A 110 0.29 17.11 5.87
CA LEU A 110 1.35 16.26 6.43
C LEU A 110 2.60 16.26 5.52
N GLY A 111 2.48 16.80 4.32
CA GLY A 111 3.52 16.66 3.32
C GLY A 111 3.50 15.28 2.71
N ALA A 112 4.58 14.95 2.00
CA ALA A 112 4.70 13.72 1.27
C ALA A 112 5.29 12.61 2.12
N PHE A 113 4.87 11.40 1.85
CA PHE A 113 5.42 10.23 2.54
C PHE A 113 5.32 9.03 1.64
N SER A 114 6.24 8.09 1.87
CA SER A 114 6.24 6.82 1.20
C SER A 114 5.54 5.78 2.04
N ARG A 115 5.46 4.56 1.55
CA ARG A 115 5.13 3.43 2.41
C ARG A 115 6.22 3.13 3.43
N GLY A 116 5.79 2.57 4.55
CA GLY A 116 6.72 2.17 5.63
C GLY A 116 6.97 3.22 6.69
N GLN A 117 6.26 4.34 6.65
CA GLN A 117 6.53 5.48 7.51
C GLN A 117 5.39 5.68 8.52
N MET A 118 4.18 5.86 7.98
CA MET A 118 2.97 6.08 8.79
C MET A 118 2.43 4.78 9.32
N GLN A 119 1.46 4.85 10.22
CA GLN A 119 0.77 3.68 10.67
C GLN A 119 0.08 3.03 9.51
N LYS A 120 0.10 1.70 9.47
CA LYS A 120 -0.36 0.96 8.33
C LYS A 120 -1.78 1.32 7.84
N PRO A 121 -2.75 1.50 8.77
CA PRO A 121 -4.08 1.80 8.22
C PRO A 121 -4.15 3.18 7.55
N PHE A 122 -3.35 4.10 8.06
CA PHE A 122 -3.27 5.44 7.49
C PHE A 122 -2.61 5.40 6.12
N GLU A 123 -1.51 4.67 6.06
CA GLU A 123 -0.81 4.48 4.79
C GLU A 123 -1.74 3.81 3.77
N ASP A 124 -2.40 2.72 4.13
CA ASP A 124 -3.22 2.00 3.15
C ASP A 124 -4.35 2.89 2.64
N ALA A 125 -4.98 3.65 3.52
CA ALA A 125 -6.04 4.56 3.08
C ALA A 125 -5.51 5.62 2.14
N SER A 126 -4.37 6.19 2.50
CA SER A 126 -3.79 7.28 1.71
C SER A 126 -3.38 6.95 0.31
N PHE A 127 -2.77 5.77 0.17
CA PHE A 127 -2.32 5.30 -1.15
C PHE A 127 -3.49 4.77 -2.01
N ALA A 128 -4.62 4.52 -1.39
CA ALA A 128 -5.82 4.06 -2.14
C ALA A 128 -6.64 5.21 -2.69
N LEU A 129 -6.37 6.43 -2.25
CA LEU A 129 -7.10 7.60 -2.73
C LEU A 129 -6.57 8.10 -4.05
N ARG A 130 -7.44 8.65 -4.88
CA ARG A 130 -7.01 9.50 -6.00
C ARG A 130 -6.68 10.89 -5.49
N THR A 131 -5.86 11.67 -6.21
N THR A 131 -5.93 11.66 -6.25
CA THR A 131 -5.69 13.06 -5.83
CA THR A 131 -5.69 13.03 -5.92
C THR A 131 -7.01 13.75 -5.89
C THR A 131 -6.99 13.86 -5.94
N GLY A 132 -7.28 14.58 -4.87
CA GLY A 132 -8.53 15.26 -4.73
C GLY A 132 -9.62 14.50 -4.01
N GLU A 133 -9.38 13.26 -3.68
CA GLU A 133 -10.38 12.41 -3.01
C GLU A 133 -10.13 12.43 -1.50
N MET A 134 -11.21 12.22 -0.76
CA MET A 134 -11.19 12.17 0.69
C MET A 134 -11.68 10.81 1.17
N SER A 135 -11.06 10.33 2.22
CA SER A 135 -11.40 9.03 2.81
C SER A 135 -12.66 9.17 3.65
N GLY A 136 -13.22 8.00 4.00
CA GLY A 136 -14.10 7.90 5.19
C GLY A 136 -13.27 7.87 6.47
N PRO A 137 -13.91 7.44 7.56
CA PRO A 137 -13.16 7.33 8.81
C PRO A 137 -12.01 6.36 8.73
N VAL A 138 -10.84 6.68 9.25
CA VAL A 138 -9.68 5.80 9.26
C VAL A 138 -9.18 5.72 10.67
N PHE A 139 -9.03 4.52 11.23
CA PHE A 139 -8.66 4.33 12.62
C PHE A 139 -7.24 3.95 12.75
N THR A 140 -6.49 4.64 13.59
CA THR A 140 -5.13 4.27 13.94
C THR A 140 -4.98 4.32 15.45
N ASP A 141 -3.80 4.00 15.95
CA ASP A 141 -3.58 4.15 17.37
C ASP A 141 -3.66 5.62 17.81
N SER A 142 -3.46 6.57 16.90
CA SER A 142 -3.56 8.00 17.26
C SER A 142 -5.00 8.42 17.57
N GLY A 143 -5.97 7.85 16.88
CA GLY A 143 -7.32 8.31 16.93
C GLY A 143 -8.02 8.01 15.63
N ILE A 144 -8.96 8.86 15.21
CA ILE A 144 -9.74 8.65 14.02
C ILE A 144 -9.42 9.79 13.06
N HIS A 145 -9.24 9.46 11.79
CA HIS A 145 -8.81 10.43 10.79
C HIS A 145 -9.78 10.53 9.65
N ILE A 146 -9.85 11.71 9.04
N ILE A 146 -9.80 11.67 9.01
CA ILE A 146 -10.31 11.94 7.65
CA ILE A 146 -10.17 11.76 7.62
C ILE A 146 -9.04 12.31 6.86
C ILE A 146 -9.09 12.38 6.79
N ILE A 147 -8.82 11.74 5.66
CA ILE A 147 -7.62 12.01 4.87
C ILE A 147 -8.03 12.55 3.51
N LEU A 148 -7.32 13.59 3.06
CA LEU A 148 -7.50 14.16 1.73
C LEU A 148 -6.19 14.04 1.00
N ARG A 149 -6.16 13.32 -0.11
CA ARG A 149 -4.90 13.22 -0.89
C ARG A 149 -4.80 14.41 -1.81
N THR A 150 -3.67 15.12 -1.74
CA THR A 150 -3.47 16.31 -2.59
C THR A 150 -2.45 16.14 -3.73
N GLU A 151 -1.55 15.15 -3.62
CA GLU A 151 -0.61 14.87 -4.73
C GLU A 151 -0.28 13.39 -4.72
N GLY B 38 -2.34 -7.73 -33.57
CA GLY B 38 -2.83 -6.51 -32.84
C GLY B 38 -2.40 -6.29 -31.40
N GLU B 39 -1.51 -7.14 -30.90
CA GLU B 39 -1.11 -7.15 -29.52
C GLU B 39 -0.57 -5.78 -29.15
N PRO B 40 -0.74 -5.37 -27.89
CA PRO B 40 -0.13 -4.14 -27.44
C PRO B 40 1.39 -4.21 -27.57
N ALA B 41 1.99 -3.05 -27.74
CA ALA B 41 3.42 -2.99 -27.83
C ALA B 41 4.09 -3.29 -26.48
N ARG B 42 3.41 -2.94 -25.40
CA ARG B 42 3.94 -3.22 -24.07
C ARG B 42 2.82 -3.72 -23.18
N VAL B 43 3.19 -4.58 -22.22
CA VAL B 43 2.29 -4.91 -21.09
C VAL B 43 3.00 -4.42 -19.86
N ARG B 44 2.24 -4.25 -18.78
CA ARG B 44 2.84 -3.92 -17.49
C ARG B 44 2.54 -5.06 -16.55
N CYS B 45 3.53 -5.47 -15.76
CA CYS B 45 3.30 -6.52 -14.82
C CYS B 45 3.95 -6.21 -13.50
N SER B 46 3.37 -6.82 -12.48
CA SER B 46 4.02 -7.05 -11.21
C SER B 46 4.34 -8.54 -11.08
N HIS B 47 5.32 -8.84 -10.23
CA HIS B 47 5.63 -10.24 -9.92
C HIS B 47 6.12 -10.43 -8.53
N LEU B 48 6.05 -11.68 -8.09
CA LEU B 48 6.64 -12.16 -6.87
C LEU B 48 7.58 -13.31 -7.27
N LEU B 49 8.86 -13.14 -7.02
CA LEU B 49 9.90 -14.13 -7.36
C LEU B 49 10.33 -14.87 -6.11
N VAL B 50 10.39 -16.21 -6.19
CA VAL B 50 11.02 -16.99 -5.14
C VAL B 50 12.21 -17.69 -5.82
N LYS B 51 13.41 -17.32 -5.38
CA LYS B 51 14.64 -17.87 -5.91
C LYS B 51 14.93 -19.24 -5.27
N HIS B 52 15.87 -19.96 -5.86
CA HIS B 52 16.27 -21.25 -5.29
C HIS B 52 17.72 -21.46 -5.64
N SER B 53 18.28 -22.58 -5.16
CA SER B 53 19.71 -22.80 -5.30
C SER B 53 20.17 -22.97 -6.72
N GLN B 54 19.29 -23.16 -7.70
CA GLN B 54 19.71 -23.20 -9.08
C GLN B 54 19.35 -21.94 -9.83
N SER B 55 18.90 -20.91 -9.13
CA SER B 55 18.78 -19.60 -9.75
C SER B 55 20.11 -19.12 -10.31
N ARG B 56 20.05 -18.29 -11.35
CA ARG B 56 21.30 -17.73 -11.94
C ARG B 56 22.12 -17.01 -10.86
N ARG B 57 21.43 -16.24 -10.04
CA ARG B 57 22.06 -15.50 -8.95
C ARG B 57 21.29 -15.87 -7.66
N PRO B 58 21.80 -16.87 -6.92
CA PRO B 58 21.07 -17.38 -5.75
C PRO B 58 21.39 -16.50 -4.52
N SER B 59 20.86 -15.30 -4.56
N SER B 59 21.02 -15.23 -4.61
CA SER B 59 21.12 -14.25 -3.60
CA SER B 59 21.06 -14.31 -3.48
C SER B 59 20.02 -13.18 -3.78
C SER B 59 20.08 -13.19 -3.77
N SER B 60 19.65 -12.49 -2.72
CA SER B 60 18.67 -11.45 -2.83
C SER B 60 18.83 -10.49 -1.67
N TRP B 61 18.03 -9.44 -1.63
CA TRP B 61 17.96 -8.56 -0.47
C TRP B 61 17.55 -9.33 0.81
N ARG B 62 16.89 -10.48 0.65
CA ARG B 62 16.47 -11.27 1.82
C ARG B 62 17.60 -12.11 2.39
N GLN B 63 18.46 -12.65 1.51
CA GLN B 63 19.47 -13.63 1.92
C GLN B 63 20.66 -13.51 1.06
N GLU B 64 21.85 -13.55 1.63
CA GLU B 64 23.06 -13.56 0.83
C GLU B 64 23.25 -14.83 0.05
N GLN B 65 22.83 -15.95 0.65
N GLN B 65 22.80 -15.94 0.63
CA GLN B 65 22.87 -17.25 0.02
CA GLN B 65 22.87 -17.22 -0.03
C GLN B 65 21.47 -17.84 0.10
C GLN B 65 21.55 -17.93 0.08
N ILE B 66 20.88 -18.08 -1.06
CA ILE B 66 19.58 -18.73 -1.11
C ILE B 66 19.82 -20.21 -1.31
N THR B 67 19.45 -20.98 -0.30
CA THR B 67 19.76 -22.40 -0.26
C THR B 67 18.56 -23.31 -0.45
N ARG B 68 17.35 -22.75 -0.53
CA ARG B 68 16.19 -23.60 -0.72
C ARG B 68 16.27 -24.25 -2.08
N THR B 69 15.66 -25.43 -2.17
CA THR B 69 15.58 -26.16 -3.43
C THR B 69 14.50 -25.59 -4.31
N GLN B 70 14.55 -25.95 -5.59
CA GLN B 70 13.52 -25.54 -6.53
C GLN B 70 12.16 -26.04 -6.11
N GLU B 71 12.08 -27.27 -5.59
CA GLU B 71 10.77 -27.74 -5.12
C GLU B 71 10.26 -26.96 -3.91
N GLU B 72 11.16 -26.60 -3.01
CA GLU B 72 10.77 -25.75 -1.92
C GLU B 72 10.31 -24.36 -2.36
N ALA B 73 10.98 -23.79 -3.36
CA ALA B 73 10.47 -22.54 -3.97
C ALA B 73 9.08 -22.71 -4.54
N LEU B 74 8.84 -23.86 -5.20
CA LEU B 74 7.52 -24.07 -5.79
C LEU B 74 6.47 -24.20 -4.70
N GLU B 75 6.78 -24.85 -3.60
CA GLU B 75 5.86 -24.97 -2.48
C GLU B 75 5.54 -23.60 -1.90
N LEU B 76 6.55 -22.73 -1.76
CA LEU B 76 6.31 -21.39 -1.27
C LEU B 76 5.41 -20.63 -2.24
N ILE B 77 5.73 -20.66 -3.54
CA ILE B 77 4.91 -20.01 -4.56
C ILE B 77 3.46 -20.46 -4.44
N ASN B 78 3.24 -21.76 -4.40
CA ASN B 78 1.87 -22.29 -4.36
C ASN B 78 1.17 -21.84 -3.08
N GLY B 79 1.89 -21.70 -1.98
CA GLY B 79 1.31 -21.15 -0.77
C GLY B 79 0.90 -19.70 -0.93
N TYR B 80 1.78 -18.89 -1.54
CA TYR B 80 1.42 -17.52 -1.78
C TYR B 80 0.19 -17.40 -2.71
N ILE B 81 0.15 -18.20 -3.77
CA ILE B 81 -1.01 -18.20 -4.67
C ILE B 81 -2.28 -18.47 -3.88
N GLN B 82 -2.26 -19.45 -2.99
CA GLN B 82 -3.46 -19.79 -2.19
C GLN B 82 -3.88 -18.62 -1.33
N LYS B 83 -2.94 -17.96 -0.69
CA LYS B 83 -3.26 -16.83 0.14
C LYS B 83 -3.93 -15.73 -0.69
N ILE B 84 -3.46 -15.55 -1.92
CA ILE B 84 -3.98 -14.47 -2.78
C ILE B 84 -5.36 -14.84 -3.28
N LYS B 85 -5.54 -16.07 -3.69
CA LYS B 85 -6.83 -16.49 -4.26
C LYS B 85 -7.91 -16.51 -3.20
N SER B 86 -7.54 -16.83 -1.97
CA SER B 86 -8.48 -16.87 -0.85
C SER B 86 -8.85 -15.47 -0.34
N GLY B 87 -8.06 -14.46 -0.69
CA GLY B 87 -8.29 -13.10 -0.20
C GLY B 87 -7.57 -12.76 1.09
N GLU B 88 -6.88 -13.74 1.66
CA GLU B 88 -6.23 -13.59 2.95
C GLU B 88 -5.13 -12.54 2.88
N GLU B 89 -4.46 -12.44 1.72
CA GLU B 89 -3.44 -11.43 1.51
C GLU B 89 -3.52 -10.87 0.09
N ASP B 90 -3.08 -9.64 -0.07
CA ASP B 90 -3.05 -9.03 -1.41
C ASP B 90 -1.70 -9.38 -2.07
N PHE B 91 -1.73 -9.44 -3.39
CA PHE B 91 -0.51 -9.75 -4.17
C PHE B 91 0.60 -8.80 -3.82
N GLU B 92 0.27 -7.52 -3.71
CA GLU B 92 1.30 -6.51 -3.63
C GLU B 92 1.97 -6.52 -2.27
N SER B 93 1.21 -6.87 -1.26
CA SER B 93 1.77 -6.95 0.08
C SER B 93 2.71 -8.14 0.12
N LEU B 94 2.29 -9.28 -0.44
CA LEU B 94 3.14 -10.46 -0.42
C LEU B 94 4.41 -10.18 -1.20
N ALA B 95 4.32 -9.52 -2.34
CA ALA B 95 5.49 -9.23 -3.12
C ALA B 95 6.48 -8.36 -2.34
N SER B 96 5.96 -7.36 -1.64
N SER B 96 5.93 -7.37 -1.64
CA SER B 96 6.84 -6.45 -0.91
CA SER B 96 6.77 -6.45 -0.86
C SER B 96 7.54 -7.16 0.27
C SER B 96 7.54 -7.18 0.23
N GLN B 97 6.90 -8.16 0.85
CA GLN B 97 7.46 -8.87 2.00
C GLN B 97 8.38 -10.01 1.57
N PHE B 98 8.05 -10.71 0.48
CA PHE B 98 8.61 -12.04 0.27
C PHE B 98 9.27 -12.20 -1.11
N SER B 99 9.13 -11.28 -2.05
CA SER B 99 9.78 -11.48 -3.32
C SER B 99 11.28 -11.34 -3.22
N ASP B 100 12.05 -12.24 -3.84
CA ASP B 100 13.48 -12.16 -3.87
C ASP B 100 13.96 -11.22 -4.96
N CYS B 101 13.06 -10.63 -5.74
CA CYS B 101 13.49 -9.61 -6.70
C CYS B 101 13.59 -8.22 -6.00
N SER B 102 14.52 -7.39 -6.46
CA SER B 102 14.58 -5.98 -5.98
C SER B 102 13.32 -5.15 -6.25
N SER B 103 12.47 -5.64 -7.15
CA SER B 103 11.15 -5.03 -7.35
C SER B 103 10.21 -5.18 -6.16
N ALA B 104 10.60 -5.94 -5.14
CA ALA B 104 9.83 -5.98 -3.91
C ALA B 104 9.58 -4.56 -3.33
N LYS B 105 10.57 -3.71 -3.50
CA LYS B 105 10.50 -2.34 -2.97
C LYS B 105 9.48 -1.50 -3.71
N ALA B 106 9.07 -1.94 -4.88
CA ALA B 106 7.98 -1.34 -5.66
C ALA B 106 6.74 -2.18 -5.65
N ARG B 107 6.55 -2.99 -4.60
CA ARG B 107 5.42 -3.88 -4.50
C ARG B 107 5.24 -4.79 -5.71
N GLY B 108 6.37 -5.19 -6.22
CA GLY B 108 6.45 -6.16 -7.31
C GLY B 108 6.36 -5.59 -8.69
N ASP B 109 6.14 -4.28 -8.83
CA ASP B 109 5.99 -3.65 -10.13
C ASP B 109 7.31 -3.67 -10.89
N LEU B 110 7.29 -4.25 -12.09
CA LEU B 110 8.44 -4.25 -12.97
C LEU B 110 8.39 -3.16 -14.00
N GLY B 111 7.27 -2.47 -14.11
CA GLY B 111 7.07 -1.52 -15.18
C GLY B 111 6.62 -2.22 -16.44
N ALA B 112 6.53 -1.43 -17.48
CA ALA B 112 6.04 -1.88 -18.74
C ALA B 112 7.18 -2.42 -19.58
N PHE B 113 6.89 -3.37 -20.43
CA PHE B 113 7.89 -3.98 -21.25
C PHE B 113 7.30 -4.48 -22.54
N SER B 114 8.18 -4.52 -23.53
CA SER B 114 7.84 -4.98 -24.84
C SER B 114 8.34 -6.40 -25.05
N ARG B 115 7.98 -7.01 -26.18
CA ARG B 115 8.65 -8.24 -26.55
C ARG B 115 10.18 -8.05 -26.65
N GLY B 116 10.90 -9.09 -26.24
CA GLY B 116 12.38 -9.13 -26.28
C GLY B 116 13.09 -8.48 -25.10
N GLN B 117 12.36 -8.01 -24.10
CA GLN B 117 12.99 -7.39 -22.94
C GLN B 117 13.14 -8.33 -21.76
N MET B 118 12.12 -9.15 -21.52
CA MET B 118 12.19 -10.09 -20.41
C MET B 118 12.64 -11.46 -20.89
N GLN B 119 12.99 -12.36 -20.00
CA GLN B 119 13.25 -13.73 -20.40
C GLN B 119 12.04 -14.39 -21.06
N LYS B 120 12.26 -15.32 -21.98
CA LYS B 120 11.21 -15.89 -22.78
C LYS B 120 10.05 -16.46 -21.95
N PRO B 121 10.32 -17.33 -20.95
CA PRO B 121 9.15 -17.90 -20.27
C PRO B 121 8.37 -16.82 -19.52
N PHE B 122 9.03 -15.76 -19.07
CA PHE B 122 8.37 -14.66 -18.39
C PHE B 122 7.53 -13.86 -19.38
N GLU B 123 8.14 -13.54 -20.51
CA GLU B 123 7.45 -12.84 -21.58
C GLU B 123 6.25 -13.63 -22.04
N ASP B 124 6.39 -14.93 -22.27
CA ASP B 124 5.29 -15.69 -22.80
C ASP B 124 4.13 -15.71 -21.82
N ALA B 125 4.45 -15.91 -20.56
CA ALA B 125 3.41 -15.96 -19.55
C ALA B 125 2.71 -14.63 -19.39
N SER B 126 3.46 -13.55 -19.46
CA SER B 126 2.92 -12.20 -19.29
C SER B 126 1.98 -11.80 -20.41
N PHE B 127 2.38 -12.02 -21.65
CA PHE B 127 1.56 -11.61 -22.79
C PHE B 127 0.33 -12.51 -22.94
N ALA B 128 0.35 -13.70 -22.35
CA ALA B 128 -0.79 -14.61 -22.36
C ALA B 128 -1.85 -14.30 -21.32
N LEU B 129 -1.55 -13.39 -20.40
CA LEU B 129 -2.51 -12.97 -19.39
C LEU B 129 -3.38 -11.88 -19.96
N ARG B 130 -4.69 -11.94 -19.67
CA ARG B 130 -5.54 -10.76 -19.84
C ARG B 130 -5.20 -9.72 -18.80
N THR B 131 -5.53 -8.46 -19.03
CA THR B 131 -5.29 -7.43 -18.02
C THR B 131 -6.01 -7.79 -16.73
N GLY B 132 -5.28 -7.73 -15.60
CA GLY B 132 -5.82 -8.03 -14.29
C GLY B 132 -5.68 -9.48 -13.87
N GLU B 133 -5.22 -10.33 -14.78
N GLU B 133 -5.34 -10.39 -14.79
CA GLU B 133 -5.11 -11.76 -14.52
CA GLU B 133 -5.16 -11.81 -14.46
C GLU B 133 -3.78 -12.06 -13.81
C GLU B 133 -3.80 -12.10 -13.85
N MET B 134 -3.77 -13.12 -13.04
CA MET B 134 -2.58 -13.63 -12.36
C MET B 134 -2.22 -15.00 -12.88
N SER B 135 -0.91 -15.22 -13.12
CA SER B 135 -0.43 -16.51 -13.58
C SER B 135 -0.41 -17.53 -12.44
N GLY B 136 -0.27 -18.78 -12.85
CA GLY B 136 0.29 -19.80 -11.96
C GLY B 136 1.80 -19.70 -11.88
N PRO B 137 2.45 -20.74 -11.35
CA PRO B 137 3.92 -20.70 -11.28
C PRO B 137 4.55 -20.57 -12.63
N VAL B 138 5.50 -19.65 -12.78
CA VAL B 138 6.27 -19.44 -14.03
C VAL B 138 7.73 -19.69 -13.72
N PHE B 139 8.34 -20.62 -14.44
CA PHE B 139 9.69 -21.09 -14.19
C PHE B 139 10.68 -20.39 -15.12
N THR B 140 11.65 -19.67 -14.58
CA THR B 140 12.69 -19.00 -15.37
C THR B 140 14.06 -19.32 -14.80
N ASP B 141 15.09 -18.80 -15.46
CA ASP B 141 16.46 -18.87 -15.00
C ASP B 141 16.65 -18.12 -13.67
N SER B 142 15.80 -17.14 -13.41
CA SER B 142 15.86 -16.38 -12.17
C SER B 142 15.30 -17.10 -10.97
N GLY B 143 14.34 -17.97 -11.17
CA GLY B 143 13.57 -18.61 -10.11
C GLY B 143 12.15 -18.89 -10.51
N ILE B 144 11.25 -18.99 -9.56
CA ILE B 144 9.86 -19.22 -9.87
C ILE B 144 9.05 -17.99 -9.54
N HIS B 145 8.15 -17.59 -10.44
CA HIS B 145 7.41 -16.33 -10.29
C HIS B 145 5.93 -16.56 -10.25
N ILE B 146 5.23 -15.63 -9.63
CA ILE B 146 3.80 -15.37 -9.86
C ILE B 146 3.76 -14.01 -10.54
N ILE B 147 3.03 -13.91 -11.65
CA ILE B 147 2.94 -12.66 -12.44
C ILE B 147 1.50 -12.16 -12.40
N LEU B 148 1.36 -10.87 -12.15
CA LEU B 148 0.06 -10.15 -12.25
C LEU B 148 0.17 -9.11 -13.36
N ARG B 149 -0.65 -9.27 -14.40
CA ARG B 149 -0.68 -8.25 -15.44
C ARG B 149 -1.56 -7.08 -15.06
N THR B 150 -0.94 -5.92 -14.95
CA THR B 150 -1.65 -4.72 -14.44
C THR B 150 -2.10 -3.79 -15.57
N GLU B 151 -1.47 -3.89 -16.75
CA GLU B 151 -1.88 -3.09 -17.94
C GLU B 151 -1.54 -3.86 -19.21
C1 REA C . 1.45 8.53 12.25
C2 REA C . 0.65 7.60 11.31
C3 REA C . -0.42 8.37 10.55
C4 REA C . -0.47 9.85 10.88
C5 REA C . -0.53 9.94 12.37
C6 REA C . 0.44 9.34 13.06
C7 REA C . 0.56 9.68 14.49
C8 REA C . -0.40 10.46 14.99
C9 REA C . -0.27 11.08 16.30
C10 REA C . -0.16 12.40 16.24
C11 REA C . 0.13 13.13 17.44
C12 REA C . -0.39 14.32 17.61
C13 REA C . -0.21 14.90 18.94
C14 REA C . 0.50 14.20 19.86
C15 REA C . 0.69 14.67 21.25
C16 REA C . 2.29 9.53 11.46
C17 REA C . 2.46 7.69 13.03
C18 REA C . -1.57 10.84 12.97
C19 REA C . 0.09 10.31 17.54
C20 REA C . -0.83 16.22 19.21
O1 REA C . 0.43 15.85 21.57
O2 REA C . 1.14 13.86 22.08
#